data_6GO0
#
_entry.id   6GO0
#
_entity_poly.entity_id   1
_entity_poly.type   'polypeptide(L)'
_entity_poly.pdbx_seq_one_letter_code
;KKKKQSWYAAAGDAIVSFGEGFLNAW
;
_entity_poly.pdbx_strand_id   A
#
# COMPACT_ATOMS: atom_id res chain seq x y z
N LYS A 1 -10.61 10.17 -14.86
CA LYS A 1 -11.60 10.65 -13.89
C LYS A 1 -11.40 10.04 -12.50
N LYS A 2 -11.42 8.73 -12.39
CA LYS A 2 -11.34 8.11 -11.10
C LYS A 2 -10.27 7.02 -11.06
N LYS A 3 -9.07 7.44 -10.75
CA LYS A 3 -7.92 6.57 -10.53
C LYS A 3 -6.73 7.44 -10.23
N LYS A 4 -6.06 7.13 -9.17
CA LYS A 4 -4.87 7.83 -8.78
C LYS A 4 -3.69 6.88 -8.79
N GLN A 5 -3.95 5.64 -8.45
CA GLN A 5 -2.95 4.62 -8.39
C GLN A 5 -3.44 3.40 -9.14
N SER A 6 -2.74 3.02 -10.15
CA SER A 6 -3.08 1.84 -10.92
C SER A 6 -2.77 0.59 -10.09
N TRP A 7 -3.14 -0.59 -10.60
CA TRP A 7 -2.97 -1.86 -9.89
C TRP A 7 -1.53 -2.07 -9.37
N TYR A 8 -0.56 -1.71 -10.18
CA TYR A 8 0.84 -1.89 -9.83
C TYR A 8 1.30 -0.84 -8.84
N ALA A 9 0.69 0.30 -8.93
CA ALA A 9 1.03 1.42 -8.10
C ALA A 9 0.53 1.16 -6.69
N ALA A 10 -0.72 0.70 -6.61
CA ALA A 10 -1.33 0.38 -5.38
C ALA A 10 -0.65 -0.81 -4.78
N ALA A 11 -0.50 -1.88 -5.55
CA ALA A 11 0.14 -3.09 -5.05
C ALA A 11 1.54 -2.84 -4.52
N GLY A 12 2.26 -1.96 -5.15
CA GLY A 12 3.57 -1.62 -4.65
C GLY A 12 3.47 -0.80 -3.37
N ASP A 13 2.76 0.29 -3.46
CA ASP A 13 2.63 1.26 -2.37
C ASP A 13 1.93 0.70 -1.15
N ALA A 14 0.83 0.08 -1.40
CA ALA A 14 -0.04 -0.47 -0.37
C ALA A 14 0.67 -1.57 0.42
N ILE A 15 1.34 -2.46 -0.27
CA ILE A 15 1.99 -3.61 0.36
C ILE A 15 3.23 -3.19 1.10
N VAL A 16 4.00 -2.34 0.48
CA VAL A 16 5.20 -1.84 1.13
C VAL A 16 4.84 -1.06 2.40
N SER A 17 3.81 -0.25 2.30
CA SER A 17 3.38 0.56 3.43
C SER A 17 2.75 -0.32 4.50
N PHE A 18 2.15 -1.42 4.06
CA PHE A 18 1.56 -2.42 4.93
C PHE A 18 2.66 -2.94 5.86
N GLY A 19 3.82 -3.22 5.25
CA GLY A 19 4.95 -3.71 5.99
C GLY A 19 5.45 -2.70 6.99
N GLU A 20 5.43 -1.43 6.59
CA GLU A 20 5.84 -0.34 7.46
C GLU A 20 4.95 -0.30 8.68
N GLY A 21 3.68 -0.41 8.40
CA GLY A 21 2.64 -0.42 9.40
C GLY A 21 2.82 -1.55 10.36
N PHE A 22 3.10 -2.70 9.81
CA PHE A 22 3.32 -3.93 10.56
C PHE A 22 4.47 -3.80 11.57
N LEU A 23 5.48 -3.03 11.22
CA LEU A 23 6.67 -2.86 12.05
C LEU A 23 6.40 -2.06 13.32
N ASN A 24 5.21 -1.48 13.43
CA ASN A 24 4.83 -0.66 14.60
C ASN A 24 4.82 -1.46 15.91
N ALA A 25 4.89 -2.78 15.80
CA ALA A 25 4.87 -3.65 16.95
C ALA A 25 6.21 -4.33 17.12
N TRP A 26 7.18 -3.85 16.38
CA TRP A 26 8.52 -4.39 16.44
C TRP A 26 9.49 -3.29 16.86
N LYS A 1 3.82 0.32 -17.70
CA LYS A 1 2.84 -0.75 -17.76
C LYS A 1 1.73 -0.58 -16.72
N LYS A 2 2.11 -0.22 -15.50
CA LYS A 2 1.16 -0.09 -14.44
C LYS A 2 0.62 1.34 -14.40
N LYS A 3 -0.60 1.50 -14.88
CA LYS A 3 -1.28 2.78 -14.85
C LYS A 3 -2.71 2.55 -14.37
N LYS A 4 -2.88 1.51 -13.58
CA LYS A 4 -4.21 1.10 -13.16
C LYS A 4 -4.53 1.54 -11.74
N GLN A 5 -3.58 2.06 -11.04
CA GLN A 5 -3.84 2.46 -9.68
C GLN A 5 -3.87 3.96 -9.57
N SER A 6 -5.06 4.51 -9.53
CA SER A 6 -5.25 5.92 -9.35
C SER A 6 -4.86 6.31 -7.92
N TRP A 7 -4.89 7.60 -7.61
CA TRP A 7 -4.50 8.10 -6.28
C TRP A 7 -5.22 7.37 -5.14
N TYR A 8 -6.49 7.08 -5.34
CA TYR A 8 -7.28 6.37 -4.34
C TYR A 8 -6.95 4.89 -4.28
N ALA A 9 -6.65 4.34 -5.43
CA ALA A 9 -6.31 2.93 -5.55
C ALA A 9 -4.96 2.71 -4.91
N ALA A 10 -4.05 3.63 -5.18
CA ALA A 10 -2.73 3.60 -4.64
C ALA A 10 -2.80 3.84 -3.16
N ALA A 11 -3.54 4.86 -2.74
CA ALA A 11 -3.63 5.23 -1.32
C ALA A 11 -4.03 4.05 -0.44
N GLY A 12 -4.92 3.24 -0.91
CA GLY A 12 -5.27 2.09 -0.14
C GLY A 12 -4.16 1.07 -0.15
N ASP A 13 -3.78 0.68 -1.33
CA ASP A 13 -2.80 -0.40 -1.56
C ASP A 13 -1.40 -0.07 -1.03
N ALA A 14 -0.95 1.09 -1.38
CA ALA A 14 0.36 1.60 -1.07
C ALA A 14 0.55 1.77 0.43
N ILE A 15 -0.47 2.29 1.10
CA ILE A 15 -0.35 2.56 2.53
C ILE A 15 -0.41 1.29 3.33
N VAL A 16 -1.28 0.40 2.94
CA VAL A 16 -1.35 -0.91 3.58
C VAL A 16 0.00 -1.63 3.48
N SER A 17 0.55 -1.60 2.31
CA SER A 17 1.83 -2.24 2.02
C SER A 17 2.97 -1.49 2.77
N PHE A 18 2.82 -0.19 2.88
CA PHE A 18 3.79 0.65 3.57
C PHE A 18 3.78 0.29 5.06
N GLY A 19 2.58 0.16 5.59
CA GLY A 19 2.40 -0.23 6.96
C GLY A 19 2.93 -1.62 7.23
N GLU A 20 2.62 -2.55 6.34
CA GLU A 20 3.11 -3.92 6.46
C GLU A 20 4.63 -3.95 6.36
N GLY A 21 5.15 -3.04 5.57
CA GLY A 21 6.58 -2.87 5.42
C GLY A 21 7.24 -2.45 6.70
N PHE A 22 6.50 -1.74 7.52
CA PHE A 22 6.95 -1.39 8.85
C PHE A 22 6.75 -2.56 9.82
N LEU A 23 5.55 -3.12 9.79
CA LEU A 23 5.11 -4.18 10.72
C LEU A 23 5.91 -5.46 10.62
N ASN A 24 6.74 -5.56 9.62
CA ASN A 24 7.58 -6.75 9.37
C ASN A 24 8.70 -6.91 10.41
N ALA A 25 8.80 -5.97 11.31
CA ALA A 25 9.85 -5.97 12.32
C ALA A 25 9.36 -6.61 13.61
N TRP A 26 8.25 -7.31 13.52
CA TRP A 26 7.69 -8.04 14.65
C TRP A 26 8.61 -9.17 15.09
N LYS A 1 5.89 -2.82 20.78
CA LYS A 1 5.40 -2.82 19.41
C LYS A 1 4.42 -1.71 19.17
N LYS A 2 4.55 -1.04 18.05
CA LYS A 2 3.62 0.00 17.65
C LYS A 2 3.15 -0.24 16.23
N LYS A 3 3.69 -1.28 15.62
CA LYS A 3 3.32 -1.67 14.29
C LYS A 3 2.81 -3.10 14.37
N LYS A 4 2.07 -3.52 13.40
CA LYS A 4 1.61 -4.88 13.33
C LYS A 4 1.94 -5.42 11.94
N GLN A 5 2.55 -4.58 11.15
CA GLN A 5 2.93 -4.90 9.81
C GLN A 5 4.40 -4.58 9.65
N SER A 6 5.09 -5.46 9.02
CA SER A 6 6.46 -5.26 8.68
C SER A 6 6.52 -4.64 7.27
N TRP A 7 7.73 -4.41 6.78
CA TRP A 7 7.99 -3.83 5.46
C TRP A 7 7.28 -4.60 4.36
N TYR A 8 7.29 -5.92 4.47
CA TYR A 8 6.69 -6.77 3.44
C TYR A 8 5.19 -6.79 3.56
N ALA A 9 4.71 -6.63 4.77
CA ALA A 9 3.30 -6.62 5.05
C ALA A 9 2.69 -5.33 4.54
N ALA A 10 3.42 -4.24 4.73
CA ALA A 10 3.02 -2.94 4.27
C ALA A 10 3.07 -2.92 2.78
N ALA A 11 4.18 -3.41 2.21
CA ALA A 11 4.38 -3.45 0.76
C ALA A 11 3.24 -4.16 0.05
N GLY A 12 2.76 -5.23 0.66
CA GLY A 12 1.65 -5.98 0.13
C GLY A 12 0.43 -5.12 -0.04
N ASP A 13 0.09 -4.37 0.97
CA ASP A 13 -1.07 -3.48 0.87
C ASP A 13 -0.74 -2.27 0.06
N ALA A 14 0.35 -1.67 0.43
CA ALA A 14 0.83 -0.39 -0.07
C ALA A 14 0.93 -0.35 -1.60
N ILE A 15 1.46 -1.38 -2.19
CA ILE A 15 1.64 -1.44 -3.64
C ILE A 15 0.31 -1.67 -4.34
N VAL A 16 -0.49 -2.52 -3.76
CA VAL A 16 -1.81 -2.79 -4.29
C VAL A 16 -2.67 -1.53 -4.23
N SER A 17 -2.58 -0.86 -3.13
CA SER A 17 -3.31 0.37 -2.91
C SER A 17 -2.76 1.49 -3.78
N PHE A 18 -1.50 1.35 -4.17
CA PHE A 18 -0.85 2.28 -5.06
C PHE A 18 -1.48 2.11 -6.44
N GLY A 19 -1.69 0.86 -6.83
CA GLY A 19 -2.33 0.52 -8.09
C GLY A 19 -3.75 1.02 -8.16
N GLU A 20 -4.48 0.83 -7.07
CA GLU A 20 -5.86 1.30 -6.96
C GLU A 20 -5.89 2.83 -6.97
N GLY A 21 -4.83 3.40 -6.47
CA GLY A 21 -4.67 4.83 -6.42
C GLY A 21 -4.41 5.42 -7.77
N PHE A 22 -3.82 4.63 -8.65
CA PHE A 22 -3.53 5.03 -10.04
C PHE A 22 -4.81 5.43 -10.77
N LEU A 23 -5.90 4.85 -10.36
CA LEU A 23 -7.20 5.08 -10.96
C LEU A 23 -7.74 6.49 -10.64
N ASN A 24 -7.04 7.23 -9.78
CA ASN A 24 -7.41 8.62 -9.40
C ASN A 24 -7.47 9.58 -10.59
N ALA A 25 -6.99 9.13 -11.73
CA ALA A 25 -6.95 9.93 -12.92
C ALA A 25 -8.24 9.82 -13.69
N TRP A 26 -9.06 8.88 -13.29
CA TRP A 26 -10.33 8.63 -13.94
C TRP A 26 -11.43 8.58 -12.89
N LYS A 1 6.85 -11.57 15.44
CA LYS A 1 8.27 -11.29 15.34
C LYS A 1 8.64 -10.74 13.97
N LYS A 2 8.44 -11.51 12.91
CA LYS A 2 8.74 -11.00 11.61
C LYS A 2 7.50 -10.43 10.97
N LYS A 3 7.34 -9.16 11.14
CA LYS A 3 6.28 -8.45 10.50
C LYS A 3 6.78 -7.99 9.15
N LYS A 4 6.06 -8.34 8.12
CA LYS A 4 6.47 -8.02 6.76
C LYS A 4 6.17 -6.58 6.43
N GLN A 5 5.00 -6.16 6.80
CA GLN A 5 4.54 -4.82 6.62
C GLN A 5 3.57 -4.53 7.74
N SER A 6 3.70 -3.38 8.33
CA SER A 6 2.79 -2.96 9.35
C SER A 6 1.43 -2.63 8.70
N TRP A 7 0.41 -2.40 9.51
CA TRP A 7 -0.93 -2.09 9.02
C TRP A 7 -0.91 -0.90 8.06
N TYR A 8 -0.17 0.14 8.43
CA TYR A 8 -0.07 1.35 7.62
C TYR A 8 0.79 1.11 6.39
N ALA A 9 1.70 0.18 6.50
CA ALA A 9 2.61 -0.15 5.44
C ALA A 9 1.86 -0.90 4.36
N ALA A 10 0.96 -1.77 4.78
CA ALA A 10 0.16 -2.50 3.87
C ALA A 10 -0.84 -1.57 3.28
N ALA A 11 -1.60 -0.89 4.13
CA ALA A 11 -2.64 0.04 3.69
C ALA A 11 -2.10 1.07 2.74
N GLY A 12 -1.00 1.69 3.10
CA GLY A 12 -0.37 2.69 2.28
C GLY A 12 0.03 2.13 0.94
N ASP A 13 0.85 1.09 0.96
CA ASP A 13 1.38 0.48 -0.26
C ASP A 13 0.29 -0.07 -1.12
N ALA A 14 -0.58 -0.79 -0.50
CA ALA A 14 -1.68 -1.45 -1.15
C ALA A 14 -2.59 -0.46 -1.86
N ILE A 15 -2.93 0.63 -1.19
CA ILE A 15 -3.83 1.62 -1.76
C ILE A 15 -3.14 2.44 -2.82
N VAL A 16 -1.93 2.84 -2.55
CA VAL A 16 -1.14 3.59 -3.52
C VAL A 16 -0.92 2.79 -4.79
N SER A 17 -0.60 1.54 -4.63
CA SER A 17 -0.35 0.66 -5.75
C SER A 17 -1.64 0.36 -6.49
N PHE A 18 -2.73 0.36 -5.77
CA PHE A 18 -4.04 0.14 -6.33
C PHE A 18 -4.37 1.35 -7.21
N GLY A 19 -4.12 2.53 -6.66
CA GLY A 19 -4.37 3.76 -7.36
C GLY A 19 -3.51 3.86 -8.59
N GLU A 20 -2.23 3.55 -8.45
CA GLU A 20 -1.28 3.59 -9.57
C GLU A 20 -1.70 2.59 -10.64
N GLY A 21 -2.22 1.47 -10.18
CA GLY A 21 -2.72 0.42 -11.04
C GLY A 21 -3.93 0.87 -11.82
N PHE A 22 -4.63 1.82 -11.28
CA PHE A 22 -5.70 2.48 -11.97
C PHE A 22 -5.16 3.57 -12.91
N LEU A 23 -4.37 4.47 -12.35
CA LEU A 23 -3.88 5.70 -13.01
C LEU A 23 -3.15 5.46 -14.33
N ASN A 24 -2.51 4.33 -14.45
CA ASN A 24 -1.79 3.94 -15.70
C ASN A 24 -2.75 3.65 -16.87
N ALA A 25 -4.03 3.70 -16.59
CA ALA A 25 -5.07 3.40 -17.56
C ALA A 25 -5.76 4.67 -17.99
N TRP A 26 -5.03 5.75 -17.87
CA TRP A 26 -5.49 7.08 -18.24
C TRP A 26 -5.96 7.15 -19.70
N LYS A 1 0.24 1.43 -21.07
CA LYS A 1 -0.01 1.94 -19.74
C LYS A 1 0.24 0.87 -18.71
N LYS A 2 0.84 1.26 -17.62
CA LYS A 2 1.17 0.36 -16.53
C LYS A 2 0.31 0.68 -15.31
N LYS A 3 -0.47 1.71 -15.44
CA LYS A 3 -1.33 2.15 -14.36
C LYS A 3 -2.64 1.40 -14.41
N LYS A 4 -2.80 0.51 -13.48
CA LYS A 4 -3.96 -0.36 -13.40
C LYS A 4 -4.94 0.14 -12.36
N GLN A 5 -4.46 0.90 -11.41
CA GLN A 5 -5.25 1.39 -10.34
C GLN A 5 -5.12 2.87 -10.23
N SER A 6 -6.21 3.50 -9.96
CA SER A 6 -6.27 4.93 -9.78
C SER A 6 -5.54 5.35 -8.49
N TRP A 7 -5.27 6.65 -8.33
CA TRP A 7 -4.51 7.15 -7.17
C TRP A 7 -5.11 6.72 -5.84
N TYR A 8 -6.42 6.78 -5.73
CA TYR A 8 -7.10 6.43 -4.51
C TYR A 8 -7.13 4.92 -4.29
N ALA A 9 -7.11 4.20 -5.37
CA ALA A 9 -7.14 2.76 -5.34
C ALA A 9 -5.78 2.27 -4.87
N ALA A 10 -4.74 2.89 -5.39
CA ALA A 10 -3.40 2.59 -5.00
C ALA A 10 -3.21 2.98 -3.59
N ALA A 11 -3.60 4.21 -3.24
CA ALA A 11 -3.44 4.75 -1.88
C ALA A 11 -4.04 3.84 -0.83
N GLY A 12 -5.22 3.31 -1.11
CA GLY A 12 -5.87 2.42 -0.19
C GLY A 12 -5.02 1.21 0.11
N ASP A 13 -4.47 0.61 -0.92
CA ASP A 13 -3.62 -0.57 -0.74
C ASP A 13 -2.23 -0.19 -0.24
N ALA A 14 -1.67 0.77 -0.93
CA ALA A 14 -0.31 1.24 -0.75
C ALA A 14 -0.04 1.77 0.64
N ILE A 15 -0.99 2.51 1.22
CA ILE A 15 -0.80 3.07 2.56
C ILE A 15 -0.89 1.99 3.61
N VAL A 16 -1.81 1.10 3.41
CA VAL A 16 -1.96 -0.03 4.32
C VAL A 16 -0.71 -0.91 4.26
N SER A 17 -0.23 -1.12 3.07
CA SER A 17 0.96 -1.93 2.84
C SER A 17 2.20 -1.20 3.39
N PHE A 18 2.15 0.11 3.35
CA PHE A 18 3.21 0.97 3.87
C PHE A 18 3.32 0.73 5.38
N GLY A 19 2.19 0.71 6.04
CA GLY A 19 2.15 0.47 7.47
C GLY A 19 2.62 -0.91 7.80
N GLU A 20 2.11 -1.89 7.06
CA GLU A 20 2.45 -3.30 7.24
C GLU A 20 3.94 -3.54 6.98
N GLY A 21 4.50 -2.73 6.11
CA GLY A 21 5.90 -2.78 5.79
C GLY A 21 6.74 -2.59 7.03
N PHE A 22 6.28 -1.73 7.88
CA PHE A 22 6.91 -1.49 9.15
C PHE A 22 6.48 -2.58 10.16
N LEU A 23 5.17 -2.76 10.25
CA LEU A 23 4.52 -3.63 11.26
C LEU A 23 4.91 -5.10 11.15
N ASN A 24 5.62 -5.46 10.09
CA ASN A 24 6.11 -6.84 9.93
C ASN A 24 7.13 -7.20 11.04
N ALA A 25 7.77 -6.18 11.62
CA ALA A 25 8.80 -6.40 12.60
C ALA A 25 8.49 -5.70 13.91
N TRP A 26 7.44 -4.93 13.92
CA TRP A 26 7.04 -4.15 15.06
C TRP A 26 5.55 -4.29 15.24
N LYS A 1 -15.36 7.32 -9.69
CA LYS A 1 -14.70 6.16 -10.27
C LYS A 1 -13.23 6.44 -10.57
N LYS A 2 -12.78 7.66 -10.38
CA LYS A 2 -11.40 7.99 -10.71
C LYS A 2 -10.46 7.74 -9.56
N LYS A 3 -9.68 6.70 -9.71
CA LYS A 3 -8.61 6.38 -8.82
C LYS A 3 -7.33 6.80 -9.50
N LYS A 4 -6.53 7.62 -8.86
CA LYS A 4 -5.25 8.12 -9.43
C LYS A 4 -4.14 7.04 -9.49
N GLN A 5 -4.51 5.83 -9.19
CA GLN A 5 -3.56 4.77 -9.09
C GLN A 5 -3.92 3.64 -10.01
N SER A 6 -2.99 3.32 -10.89
CA SER A 6 -3.12 2.16 -11.75
C SER A 6 -2.93 0.89 -10.89
N TRP A 7 -3.15 -0.28 -11.47
CA TRP A 7 -3.05 -1.55 -10.74
C TRP A 7 -1.71 -1.71 -10.00
N TYR A 8 -0.62 -1.33 -10.67
CA TYR A 8 0.73 -1.47 -10.11
C TYR A 8 1.02 -0.37 -9.10
N ALA A 9 0.34 0.74 -9.28
CA ALA A 9 0.49 1.88 -8.40
C ALA A 9 -0.17 1.58 -7.09
N ALA A 10 -1.33 0.94 -7.16
CA ALA A 10 -2.04 0.57 -6.01
C ALA A 10 -1.35 -0.55 -5.32
N ALA A 11 -1.11 -1.65 -6.03
CA ALA A 11 -0.49 -2.85 -5.44
C ALA A 11 0.84 -2.55 -4.76
N GLY A 12 1.62 -1.70 -5.39
CA GLY A 12 2.89 -1.33 -4.87
C GLY A 12 2.76 -0.58 -3.59
N ASP A 13 1.91 0.41 -3.56
CA ASP A 13 1.74 1.22 -2.36
C ASP A 13 0.96 0.47 -1.32
N ALA A 14 -0.15 -0.05 -1.75
CA ALA A 14 -1.15 -0.69 -0.91
C ALA A 14 -0.58 -1.78 -0.05
N ILE A 15 0.23 -2.65 -0.63
CA ILE A 15 0.76 -3.78 0.10
C ILE A 15 1.76 -3.30 1.14
N VAL A 16 2.58 -2.38 0.73
CA VAL A 16 3.60 -1.81 1.61
C VAL A 16 2.94 -1.04 2.73
N SER A 17 1.94 -0.30 2.38
CA SER A 17 1.23 0.55 3.29
C SER A 17 0.40 -0.27 4.25
N PHE A 18 -0.01 -1.44 3.80
CA PHE A 18 -0.70 -2.37 4.65
C PHE A 18 0.27 -2.94 5.67
N GLY A 19 1.44 -3.26 5.19
CA GLY A 19 2.49 -3.76 6.05
C GLY A 19 2.85 -2.74 7.11
N GLU A 20 3.14 -1.53 6.65
CA GLU A 20 3.48 -0.41 7.53
C GLU A 20 2.32 -0.07 8.45
N GLY A 21 1.15 -0.20 7.91
CA GLY A 21 -0.08 0.04 8.63
C GLY A 21 -0.24 -0.92 9.78
N PHE A 22 0.28 -2.10 9.61
CA PHE A 22 0.29 -3.10 10.65
C PHE A 22 1.43 -2.79 11.63
N LEU A 23 2.58 -2.45 11.09
CA LEU A 23 3.80 -2.18 11.86
C LEU A 23 3.68 -0.97 12.79
N ASN A 24 2.59 -0.24 12.66
CA ASN A 24 2.32 0.93 13.51
C ASN A 24 2.14 0.56 15.00
N ALA A 25 2.05 -0.73 15.28
CA ALA A 25 1.87 -1.23 16.61
C ALA A 25 3.10 -2.03 17.03
N TRP A 26 4.17 -1.88 16.28
CA TRP A 26 5.41 -2.57 16.55
C TRP A 26 6.53 -1.56 16.68
N LYS A 1 -5.69 8.52 -21.65
CA LYS A 1 -4.95 8.44 -20.40
C LYS A 1 -4.89 7.03 -19.97
N LYS A 2 -3.87 6.68 -19.24
CA LYS A 2 -3.72 5.33 -18.85
C LYS A 2 -3.44 5.22 -17.38
N LYS A 3 -4.48 5.01 -16.65
CA LYS A 3 -4.38 4.73 -15.24
C LYS A 3 -5.12 3.45 -14.91
N LYS A 4 -4.51 2.62 -14.10
CA LYS A 4 -5.07 1.34 -13.75
C LYS A 4 -5.59 1.35 -12.34
N GLN A 5 -5.12 2.28 -11.53
CA GLN A 5 -5.49 2.31 -10.16
C GLN A 5 -5.49 3.73 -9.68
N SER A 6 -6.12 3.93 -8.59
CA SER A 6 -6.17 5.22 -7.98
C SER A 6 -5.11 5.30 -6.89
N TRP A 7 -5.00 6.46 -6.27
CA TRP A 7 -4.03 6.72 -5.22
C TRP A 7 -4.30 5.86 -3.99
N TYR A 8 -5.57 5.67 -3.68
CA TYR A 8 -5.96 4.92 -2.50
C TYR A 8 -5.76 3.43 -2.70
N ALA A 9 -5.54 3.03 -3.94
CA ALA A 9 -5.27 1.65 -4.25
C ALA A 9 -3.93 1.27 -3.68
N ALA A 10 -2.93 2.09 -3.97
CA ALA A 10 -1.61 1.87 -3.49
C ALA A 10 -1.57 2.19 -2.03
N ALA A 11 -2.05 3.38 -1.66
CA ALA A 11 -2.01 3.89 -0.29
C ALA A 11 -2.58 2.91 0.71
N GLY A 12 -3.70 2.32 0.37
CA GLY A 12 -4.31 1.36 1.23
C GLY A 12 -3.41 0.19 1.48
N ASP A 13 -2.97 -0.44 0.43
CA ASP A 13 -2.14 -1.65 0.53
C ASP A 13 -0.76 -1.33 1.09
N ALA A 14 -0.21 -0.27 0.58
CA ALA A 14 1.12 0.22 0.91
C ALA A 14 1.27 0.53 2.39
N ILE A 15 0.28 1.19 2.96
CA ILE A 15 0.32 1.55 4.38
C ILE A 15 0.09 0.32 5.22
N VAL A 16 -0.78 -0.55 4.75
CA VAL A 16 -1.01 -1.83 5.43
C VAL A 16 0.27 -2.67 5.44
N SER A 17 0.94 -2.69 4.33
CA SER A 17 2.18 -3.43 4.15
C SER A 17 3.29 -2.79 4.98
N PHE A 18 3.20 -1.48 5.12
CA PHE A 18 4.14 -0.71 5.92
C PHE A 18 4.04 -1.21 7.37
N GLY A 19 2.81 -1.45 7.80
CA GLY A 19 2.54 -1.99 9.12
C GLY A 19 3.08 -3.39 9.26
N GLU A 20 2.84 -4.21 8.24
CA GLU A 20 3.34 -5.59 8.16
C GLU A 20 4.85 -5.62 8.31
N GLY A 21 5.48 -4.62 7.75
CA GLY A 21 6.92 -4.45 7.83
C GLY A 21 7.39 -4.36 9.26
N PHE A 22 6.66 -3.60 10.04
CA PHE A 22 6.95 -3.42 11.46
C PHE A 22 6.64 -4.71 12.23
N LEU A 23 5.58 -5.38 11.80
CA LEU A 23 5.08 -6.61 12.43
C LEU A 23 6.01 -7.80 12.28
N ASN A 24 7.07 -7.62 11.52
CA ASN A 24 8.11 -8.65 11.39
C ASN A 24 8.67 -9.01 12.80
N ALA A 25 8.69 -8.01 13.68
CA ALA A 25 9.21 -8.16 15.01
C ALA A 25 8.09 -8.04 16.06
N TRP A 26 6.96 -7.44 15.64
CA TRP A 26 5.78 -7.19 16.48
C TRP A 26 6.04 -6.16 17.57
N LYS A 1 -9.97 10.54 -15.93
CA LYS A 1 -11.35 10.95 -15.69
C LYS A 1 -11.85 10.50 -14.33
N LYS A 2 -12.02 9.20 -14.11
CA LYS A 2 -12.57 8.75 -12.83
C LYS A 2 -11.55 8.06 -11.95
N LYS A 3 -10.36 7.89 -12.45
CA LYS A 3 -9.31 7.30 -11.66
C LYS A 3 -8.72 8.33 -10.71
N LYS A 4 -8.37 7.90 -9.54
CA LYS A 4 -7.74 8.77 -8.57
C LYS A 4 -6.27 8.43 -8.45
N GLN A 5 -5.93 7.19 -8.76
CA GLN A 5 -4.60 6.67 -8.63
C GLN A 5 -4.38 5.61 -9.68
N SER A 6 -3.17 5.44 -10.04
CA SER A 6 -2.79 4.37 -10.92
C SER A 6 -2.42 3.15 -10.06
N TRP A 7 -2.28 2.00 -10.70
CA TRP A 7 -2.00 0.74 -10.00
C TRP A 7 -0.75 0.85 -9.12
N TYR A 8 0.27 1.50 -9.62
CA TYR A 8 1.52 1.63 -8.89
C TYR A 8 1.44 2.66 -7.78
N ALA A 9 0.55 3.60 -7.93
CA ALA A 9 0.38 4.64 -6.93
C ALA A 9 -0.30 4.02 -5.72
N ALA A 10 -1.21 3.09 -6.00
CA ALA A 10 -1.88 2.36 -4.98
C ALA A 10 -0.92 1.40 -4.39
N ALA A 11 -0.28 0.58 -5.24
CA ALA A 11 0.67 -0.44 -4.81
C ALA A 11 1.77 0.12 -3.93
N GLY A 12 2.26 1.29 -4.30
CA GLY A 12 3.27 1.96 -3.53
C GLY A 12 2.83 2.18 -2.11
N ASP A 13 1.68 2.77 -1.93
CA ASP A 13 1.18 3.04 -0.58
C ASP A 13 0.74 1.75 0.06
N ALA A 14 -0.02 1.02 -0.68
CA ALA A 14 -0.66 -0.21 -0.29
C ALA A 14 0.32 -1.21 0.30
N ILE A 15 1.46 -1.38 -0.36
CA ILE A 15 2.47 -2.32 0.10
C ILE A 15 3.22 -1.79 1.31
N VAL A 16 3.53 -0.53 1.29
CA VAL A 16 4.20 0.11 2.43
C VAL A 16 3.33 0.02 3.67
N SER A 17 2.08 0.30 3.48
CA SER A 17 1.09 0.27 4.53
C SER A 17 0.79 -1.19 4.93
N PHE A 18 1.05 -2.11 4.03
CA PHE A 18 0.87 -3.52 4.27
C PHE A 18 1.97 -3.96 5.22
N GLY A 19 3.18 -3.52 4.93
CA GLY A 19 4.33 -3.81 5.75
C GLY A 19 4.19 -3.19 7.12
N GLU A 20 3.79 -1.93 7.16
CA GLU A 20 3.57 -1.25 8.42
C GLU A 20 2.39 -1.83 9.17
N GLY A 21 1.50 -2.43 8.41
CA GLY A 21 0.37 -3.12 8.98
C GLY A 21 0.83 -4.29 9.79
N PHE A 22 1.75 -5.04 9.24
CA PHE A 22 2.36 -6.16 9.93
C PHE A 22 3.11 -5.69 11.17
N LEU A 23 3.77 -4.55 11.03
CA LEU A 23 4.62 -3.97 12.06
C LEU A 23 3.92 -3.63 13.38
N ASN A 24 2.60 -3.72 13.41
CA ASN A 24 1.88 -3.54 14.68
C ASN A 24 2.17 -4.73 15.64
N ALA A 25 2.69 -5.79 15.06
CA ALA A 25 3.00 -7.04 15.73
C ALA A 25 4.50 -7.23 15.82
N TRP A 26 5.20 -6.10 15.80
CA TRP A 26 6.66 -6.02 15.87
C TRP A 26 7.29 -6.96 16.91
N LYS A 1 -15.51 7.20 -10.27
CA LYS A 1 -14.67 7.13 -11.48
C LYS A 1 -13.23 7.49 -11.14
N LYS A 2 -12.99 7.98 -9.94
CA LYS A 2 -11.66 8.36 -9.57
C LYS A 2 -10.94 7.17 -8.96
N LYS A 3 -10.06 6.61 -9.74
CA LYS A 3 -9.26 5.45 -9.38
C LYS A 3 -8.18 5.88 -8.43
N LYS A 4 -7.79 7.16 -8.58
CA LYS A 4 -6.79 7.93 -7.79
C LYS A 4 -5.37 7.40 -7.93
N GLN A 5 -5.21 6.11 -8.00
CA GLN A 5 -3.95 5.51 -8.16
C GLN A 5 -4.15 4.20 -8.86
N SER A 6 -3.13 3.71 -9.47
CA SER A 6 -3.19 2.47 -10.17
C SER A 6 -3.18 1.30 -9.18
N TRP A 7 -3.59 0.13 -9.65
CA TRP A 7 -3.68 -1.07 -8.80
C TRP A 7 -2.38 -1.38 -8.05
N TYR A 8 -1.27 -1.29 -8.75
CA TYR A 8 0.02 -1.61 -8.16
C TYR A 8 0.49 -0.54 -7.20
N ALA A 9 -0.05 0.65 -7.36
CA ALA A 9 0.29 1.76 -6.50
C ALA A 9 -0.35 1.54 -5.13
N ALA A 10 -1.56 1.00 -5.15
CA ALA A 10 -2.26 0.68 -3.96
C ALA A 10 -1.62 -0.51 -3.37
N ALA A 11 -1.48 -1.57 -4.15
CA ALA A 11 -0.87 -2.83 -3.71
C ALA A 11 0.50 -2.59 -3.08
N GLY A 12 1.30 -1.76 -3.73
CA GLY A 12 2.59 -1.42 -3.23
C GLY A 12 2.52 -0.81 -1.84
N ASP A 13 1.76 0.25 -1.72
CA ASP A 13 1.64 0.97 -0.45
C ASP A 13 0.93 0.14 0.59
N ALA A 14 -0.15 -0.45 0.16
CA ALA A 14 -1.02 -1.25 0.99
C ALA A 14 -0.31 -2.43 1.64
N ILE A 15 0.50 -3.14 0.86
CA ILE A 15 1.20 -4.31 1.37
C ILE A 15 2.35 -3.88 2.27
N VAL A 16 3.02 -2.82 1.89
CA VAL A 16 4.11 -2.28 2.70
C VAL A 16 3.56 -1.76 4.04
N SER A 17 2.38 -1.18 3.97
CA SER A 17 1.69 -0.65 5.12
C SER A 17 1.27 -1.79 6.02
N PHE A 18 0.95 -2.91 5.42
CA PHE A 18 0.61 -4.11 6.12
C PHE A 18 1.79 -4.62 6.93
N GLY A 19 2.96 -4.59 6.31
CA GLY A 19 4.20 -4.96 6.99
C GLY A 19 4.44 -4.07 8.19
N GLU A 20 4.32 -2.77 7.98
CA GLU A 20 4.46 -1.78 9.05
C GLU A 20 3.36 -1.96 10.10
N GLY A 21 2.22 -2.40 9.64
CA GLY A 21 1.08 -2.65 10.49
C GLY A 21 1.35 -3.80 11.41
N PHE A 22 2.18 -4.71 10.98
CA PHE A 22 2.60 -5.82 11.80
C PHE A 22 3.67 -5.35 12.78
N LEU A 23 4.63 -4.60 12.25
CA LEU A 23 5.79 -4.14 13.01
C LEU A 23 5.43 -3.17 14.13
N ASN A 24 4.17 -2.75 14.19
CA ASN A 24 3.68 -1.85 15.24
C ASN A 24 3.82 -2.46 16.65
N ALA A 25 4.00 -3.77 16.70
CA ALA A 25 4.09 -4.47 17.95
C ALA A 25 5.48 -5.02 18.14
N TRP A 26 6.39 -4.67 17.25
CA TRP A 26 7.72 -5.21 17.27
C TRP A 26 8.74 -4.09 17.31
N LYS A 1 3.15 -10.66 10.45
CA LYS A 1 2.68 -9.37 10.96
C LYS A 1 3.83 -8.40 11.19
N LYS A 2 5.05 -8.87 11.08
CA LYS A 2 6.19 -8.02 11.28
C LYS A 2 7.32 -8.44 10.36
N LYS A 3 7.47 -7.72 9.30
CA LYS A 3 8.55 -7.95 8.37
C LYS A 3 9.69 -7.01 8.68
N LYS A 4 9.54 -5.78 8.26
CA LYS A 4 10.52 -4.73 8.45
C LYS A 4 9.77 -3.40 8.50
N GLN A 5 8.47 -3.52 8.63
CA GLN A 5 7.58 -2.44 8.62
C GLN A 5 6.69 -2.56 9.82
N SER A 6 6.14 -1.50 10.20
CA SER A 6 5.15 -1.49 11.21
C SER A 6 3.79 -1.40 10.53
N TRP A 7 2.73 -1.54 11.29
CA TRP A 7 1.37 -1.53 10.77
C TRP A 7 1.10 -0.31 9.88
N TYR A 8 1.57 0.84 10.31
CA TYR A 8 1.37 2.09 9.58
C TYR A 8 2.23 2.16 8.33
N ALA A 9 3.40 1.58 8.42
CA ALA A 9 4.35 1.59 7.34
C ALA A 9 3.90 0.69 6.23
N ALA A 10 3.24 -0.38 6.62
CA ALA A 10 2.67 -1.27 5.68
C ALA A 10 1.48 -0.61 5.07
N ALA A 11 0.56 -0.18 5.93
CA ALA A 11 -0.70 0.43 5.49
C ALA A 11 -0.48 1.59 4.54
N GLY A 12 0.41 2.49 4.90
CA GLY A 12 0.72 3.62 4.06
C GLY A 12 1.19 3.20 2.70
N ASP A 13 2.23 2.38 2.69
CA ASP A 13 2.84 1.90 1.46
C ASP A 13 1.89 1.05 0.65
N ALA A 14 1.29 0.13 1.34
CA ALA A 14 0.36 -0.85 0.81
C ALA A 14 -0.81 -0.19 0.13
N ILE A 15 -1.37 0.82 0.77
CA ILE A 15 -2.55 1.50 0.23
C ILE A 15 -2.20 2.37 -0.95
N VAL A 16 -1.08 3.05 -0.84
CA VAL A 16 -0.59 3.85 -1.95
C VAL A 16 -0.34 2.97 -3.17
N SER A 17 0.29 1.85 -2.94
CA SER A 17 0.61 0.92 -4.00
C SER A 17 -0.65 0.23 -4.52
N PHE A 18 -1.61 0.04 -3.63
CA PHE A 18 -2.89 -0.56 -3.94
C PHE A 18 -3.61 0.35 -4.92
N GLY A 19 -3.64 1.64 -4.58
CA GLY A 19 -4.28 2.62 -5.41
C GLY A 19 -3.61 2.70 -6.75
N GLU A 20 -2.29 2.77 -6.75
CA GLU A 20 -1.51 2.86 -7.99
C GLU A 20 -1.65 1.60 -8.82
N GLY A 21 -1.92 0.51 -8.15
CA GLY A 21 -2.16 -0.77 -8.79
C GLY A 21 -3.36 -0.68 -9.68
N PHE A 22 -4.33 0.05 -9.25
CA PHE A 22 -5.50 0.32 -10.04
C PHE A 22 -5.21 1.45 -11.04
N LEU A 23 -4.62 2.52 -10.54
CA LEU A 23 -4.38 3.77 -11.29
C LEU A 23 -3.41 3.63 -12.45
N ASN A 24 -2.77 2.48 -12.58
CA ASN A 24 -1.88 2.23 -13.72
C ASN A 24 -2.67 2.13 -15.05
N ALA A 25 -3.99 1.97 -14.92
CA ALA A 25 -4.87 1.81 -16.06
C ALA A 25 -5.78 3.02 -16.16
N TRP A 26 -5.27 4.13 -15.61
CA TRP A 26 -5.95 5.43 -15.56
C TRP A 26 -6.61 5.83 -16.91
N LYS A 1 1.52 6.52 -17.14
CA LYS A 1 0.97 7.13 -15.93
C LYS A 1 0.08 6.14 -15.20
N LYS A 2 -0.95 5.66 -15.87
CA LYS A 2 -1.87 4.74 -15.26
C LYS A 2 -1.29 3.34 -15.33
N LYS A 3 -0.62 2.95 -14.26
CA LYS A 3 0.11 1.71 -14.20
C LYS A 3 -0.82 0.52 -14.04
N LYS A 4 -1.43 0.41 -12.88
CA LYS A 4 -2.41 -0.65 -12.63
C LYS A 4 -3.32 -0.29 -11.48
N GLN A 5 -2.73 0.11 -10.38
CA GLN A 5 -3.47 0.44 -9.20
C GLN A 5 -3.54 1.95 -9.07
N SER A 6 -4.71 2.49 -9.35
CA SER A 6 -4.99 3.91 -9.25
C SER A 6 -4.79 4.39 -7.79
N TRP A 7 -4.85 5.70 -7.56
CA TRP A 7 -4.59 6.29 -6.23
C TRP A 7 -5.39 5.59 -5.11
N TYR A 8 -6.63 5.27 -5.39
CA TYR A 8 -7.51 4.63 -4.43
C TYR A 8 -7.18 3.16 -4.25
N ALA A 9 -6.79 2.55 -5.33
CA ALA A 9 -6.47 1.14 -5.35
C ALA A 9 -5.16 0.92 -4.62
N ALA A 10 -4.23 1.86 -4.81
CA ALA A 10 -2.98 1.86 -4.16
C ALA A 10 -3.20 2.11 -2.71
N ALA A 11 -3.97 3.14 -2.38
CA ALA A 11 -4.26 3.49 -0.97
C ALA A 11 -4.80 2.31 -0.19
N GLY A 12 -5.72 1.60 -0.79
CA GLY A 12 -6.27 0.44 -0.15
C GLY A 12 -5.22 -0.63 0.08
N ASP A 13 -4.58 -1.00 -0.99
CA ASP A 13 -3.58 -2.08 -1.01
C ASP A 13 -2.33 -1.76 -0.21
N ALA A 14 -1.81 -0.60 -0.46
CA ALA A 14 -0.58 -0.09 0.13
C ALA A 14 -0.68 0.04 1.65
N ILE A 15 -1.81 0.52 2.13
CA ILE A 15 -1.98 0.71 3.57
C ILE A 15 -2.16 -0.62 4.28
N VAL A 16 -2.86 -1.51 3.64
CA VAL A 16 -3.01 -2.86 4.19
C VAL A 16 -1.64 -3.54 4.31
N SER A 17 -0.87 -3.42 3.26
CA SER A 17 0.46 -4.00 3.22
C SER A 17 1.43 -3.25 4.13
N PHE A 18 1.12 -2.01 4.42
CA PHE A 18 1.87 -1.21 5.34
C PHE A 18 1.74 -1.86 6.71
N GLY A 19 0.51 -2.28 7.02
CA GLY A 19 0.24 -2.97 8.25
C GLY A 19 0.93 -4.32 8.29
N GLU A 20 0.92 -5.01 7.15
CA GLU A 20 1.60 -6.30 7.02
C GLU A 20 3.10 -6.12 7.28
N GLY A 21 3.62 -5.07 6.71
CA GLY A 21 5.01 -4.70 6.86
C GLY A 21 5.35 -4.39 8.30
N PHE A 22 4.45 -3.70 8.96
CA PHE A 22 4.58 -3.31 10.37
C PHE A 22 4.74 -4.53 11.28
N LEU A 23 4.12 -5.62 10.91
CA LEU A 23 4.17 -6.87 11.68
C LEU A 23 5.58 -7.46 11.75
N ASN A 24 6.53 -6.87 11.01
CA ASN A 24 7.94 -7.28 11.12
C ASN A 24 8.50 -6.97 12.51
N ALA A 25 7.81 -6.11 13.24
CA ALA A 25 8.23 -5.70 14.54
C ALA A 25 7.20 -6.06 15.60
N TRP A 26 5.94 -6.19 15.16
CA TRP A 26 4.78 -6.50 15.99
C TRP A 26 4.50 -5.40 17.02
N LYS A 1 4.17 -0.53 -15.92
CA LYS A 1 3.73 0.15 -17.14
C LYS A 1 2.30 0.62 -16.96
N LYS A 2 2.03 1.84 -17.44
CA LYS A 2 0.69 2.49 -17.52
C LYS A 2 -0.06 2.67 -16.20
N LYS A 3 0.56 2.29 -15.07
CA LYS A 3 -0.02 2.42 -13.72
C LYS A 3 -1.25 1.50 -13.54
N LYS A 4 -1.81 1.50 -12.34
CA LYS A 4 -3.00 0.71 -12.05
C LYS A 4 -3.71 1.23 -10.80
N GLN A 5 -3.00 1.94 -9.95
CA GLN A 5 -3.56 2.48 -8.73
C GLN A 5 -3.33 3.96 -8.67
N SER A 6 -4.40 4.70 -8.55
CA SER A 6 -4.31 6.12 -8.31
C SER A 6 -4.01 6.31 -6.83
N TRP A 7 -3.71 7.53 -6.42
CA TRP A 7 -3.37 7.85 -5.02
C TRP A 7 -4.35 7.26 -3.99
N TYR A 8 -5.64 7.29 -4.31
CA TYR A 8 -6.67 6.79 -3.41
C TYR A 8 -6.75 5.27 -3.46
N ALA A 9 -6.43 4.72 -4.60
CA ALA A 9 -6.45 3.29 -4.80
C ALA A 9 -5.27 2.70 -4.08
N ALA A 10 -4.16 3.42 -4.18
CA ALA A 10 -2.95 3.07 -3.55
C ALA A 10 -3.12 3.12 -2.07
N ALA A 11 -3.77 4.15 -1.55
CA ALA A 11 -3.95 4.34 -0.10
C ALA A 11 -4.54 3.13 0.60
N GLY A 12 -5.46 2.45 -0.05
CA GLY A 12 -6.04 1.28 0.53
C GLY A 12 -5.01 0.19 0.64
N ASP A 13 -4.39 -0.10 -0.48
CA ASP A 13 -3.36 -1.13 -0.61
C ASP A 13 -2.10 -0.79 0.19
N ALA A 14 -1.65 0.42 0.01
CA ALA A 14 -0.44 0.97 0.58
C ALA A 14 -0.46 0.96 2.09
N ILE A 15 -1.59 1.28 2.68
CA ILE A 15 -1.67 1.31 4.13
C ILE A 15 -1.65 -0.09 4.70
N VAL A 16 -2.37 -0.95 4.07
CA VAL A 16 -2.39 -2.37 4.47
C VAL A 16 -0.99 -2.98 4.30
N SER A 17 -0.38 -2.67 3.19
CA SER A 17 0.94 -3.16 2.83
C SER A 17 2.00 -2.55 3.75
N PHE A 18 1.71 -1.35 4.25
CA PHE A 18 2.59 -0.64 5.16
C PHE A 18 2.68 -1.41 6.46
N GLY A 19 1.52 -1.83 6.96
CA GLY A 19 1.47 -2.57 8.20
C GLY A 19 2.13 -3.91 8.08
N GLU A 20 1.86 -4.59 6.98
CA GLU A 20 2.46 -5.87 6.70
C GLU A 20 3.95 -5.73 6.53
N GLY A 21 4.31 -4.68 5.85
CA GLY A 21 5.68 -4.34 5.61
C GLY A 21 6.43 -4.07 6.86
N PHE A 22 5.80 -3.36 7.76
CA PHE A 22 6.36 -2.96 9.06
C PHE A 22 6.81 -4.17 9.88
N LEU A 23 6.13 -5.28 9.68
CA LEU A 23 6.43 -6.51 10.37
C LEU A 23 7.77 -7.13 9.94
N ASN A 24 8.39 -6.55 8.92
CA ASN A 24 9.73 -7.00 8.45
C ASN A 24 10.82 -6.75 9.50
N ALA A 25 10.49 -6.02 10.53
CA ALA A 25 11.42 -5.70 11.59
C ALA A 25 11.11 -6.54 12.83
N TRP A 26 10.25 -7.50 12.63
CA TRP A 26 9.81 -8.38 13.70
C TRP A 26 10.40 -9.76 13.49
N LYS A 1 -4.45 7.71 -16.97
CA LYS A 1 -3.86 7.17 -18.17
C LYS A 1 -3.86 5.67 -18.06
N LYS A 2 -3.25 4.97 -19.02
CA LYS A 2 -3.30 3.49 -19.08
C LYS A 2 -2.46 2.75 -17.99
N LYS A 3 -2.66 3.13 -16.77
CA LYS A 3 -2.12 2.44 -15.63
C LYS A 3 -3.24 2.07 -14.71
N LYS A 4 -3.16 0.91 -14.14
CA LYS A 4 -4.26 0.35 -13.35
C LYS A 4 -4.13 0.71 -11.87
N GLN A 5 -3.22 1.58 -11.55
CA GLN A 5 -3.01 1.97 -10.19
C GLN A 5 -3.11 3.45 -10.01
N SER A 6 -4.17 3.87 -9.38
CA SER A 6 -4.36 5.23 -8.97
C SER A 6 -3.58 5.42 -7.66
N TRP A 7 -3.58 6.64 -7.13
CA TRP A 7 -2.91 6.92 -5.87
C TRP A 7 -3.39 5.99 -4.74
N TYR A 8 -4.68 5.75 -4.70
CA TYR A 8 -5.29 4.91 -3.66
C TYR A 8 -5.04 3.44 -3.90
N ALA A 9 -4.75 3.10 -5.13
CA ALA A 9 -4.48 1.72 -5.49
C ALA A 9 -3.16 1.31 -4.89
N ALA A 10 -2.21 2.23 -4.94
CA ALA A 10 -0.95 2.03 -4.34
C ALA A 10 -1.10 2.13 -2.86
N ALA A 11 -1.67 3.25 -2.39
CA ALA A 11 -1.80 3.57 -0.95
C ALA A 11 -2.46 2.46 -0.17
N GLY A 12 -3.53 1.91 -0.68
CA GLY A 12 -4.23 0.85 0.00
C GLY A 12 -3.33 -0.35 0.19
N ASP A 13 -2.71 -0.78 -0.88
CA ASP A 13 -1.85 -1.96 -0.90
C ASP A 13 -0.57 -1.70 -0.12
N ALA A 14 -0.02 -0.55 -0.39
CA ALA A 14 1.23 -0.08 0.18
C ALA A 14 1.17 0.02 1.70
N ILE A 15 0.08 0.57 2.21
CA ILE A 15 -0.05 0.76 3.65
C ILE A 15 -0.31 -0.56 4.36
N VAL A 16 -1.07 -1.42 3.73
CA VAL A 16 -1.28 -2.76 4.27
C VAL A 16 0.05 -3.48 4.43
N SER A 17 0.84 -3.43 3.40
CA SER A 17 2.13 -4.04 3.39
C SER A 17 3.13 -3.30 4.30
N PHE A 18 2.85 -2.05 4.55
CA PHE A 18 3.66 -1.24 5.44
C PHE A 18 3.50 -1.82 6.85
N GLY A 19 2.27 -2.23 7.14
CA GLY A 19 1.96 -2.89 8.39
C GLY A 19 2.59 -4.26 8.45
N GLU A 20 2.63 -4.94 7.32
CA GLU A 20 3.29 -6.25 7.20
C GLU A 20 4.77 -6.10 7.49
N GLY A 21 5.30 -4.93 7.16
CA GLY A 21 6.68 -4.59 7.43
C GLY A 21 6.96 -4.63 8.91
N PHE A 22 6.07 -4.03 9.67
CA PHE A 22 6.14 -4.01 11.13
C PHE A 22 6.08 -5.44 11.68
N LEU A 23 5.27 -6.26 11.05
CA LEU A 23 5.02 -7.64 11.48
C LEU A 23 6.26 -8.53 11.38
N ASN A 24 7.35 -8.03 10.80
CA ASN A 24 8.61 -8.79 10.70
C ASN A 24 9.19 -9.14 12.09
N ALA A 25 8.66 -8.52 13.11
CA ALA A 25 9.14 -8.71 14.45
C ALA A 25 8.11 -9.45 15.31
N TRP A 26 6.99 -9.81 14.72
CA TRP A 26 5.93 -10.46 15.45
C TRP A 26 5.33 -11.59 14.64
N LYS A 1 1.26 6.36 -20.90
CA LYS A 1 0.48 6.62 -19.71
C LYS A 1 0.34 5.33 -18.95
N LYS A 2 0.20 5.41 -17.64
CA LYS A 2 -0.03 4.22 -16.86
C LYS A 2 -1.51 3.94 -16.84
N LYS A 3 -2.21 4.92 -16.36
CA LYS A 3 -3.70 4.99 -16.25
C LYS A 3 -4.31 3.94 -15.27
N LYS A 4 -3.92 2.70 -15.46
CA LYS A 4 -4.46 1.52 -14.77
C LYS A 4 -4.64 1.67 -13.25
N GLN A 5 -3.61 2.08 -12.58
CA GLN A 5 -3.68 2.18 -11.14
C GLN A 5 -4.00 3.57 -10.68
N SER A 6 -5.17 3.70 -10.16
CA SER A 6 -5.66 4.93 -9.58
C SER A 6 -4.90 5.22 -8.26
N TRP A 7 -5.11 6.40 -7.72
CA TRP A 7 -4.50 6.83 -6.48
C TRP A 7 -4.79 5.86 -5.34
N TYR A 8 -6.01 5.34 -5.29
CA TYR A 8 -6.39 4.44 -4.23
C TYR A 8 -5.87 3.04 -4.46
N ALA A 9 -5.53 2.73 -5.70
CA ALA A 9 -5.02 1.41 -6.04
C ALA A 9 -3.65 1.24 -5.43
N ALA A 10 -2.89 2.33 -5.47
CA ALA A 10 -1.60 2.36 -4.87
C ALA A 10 -1.78 2.40 -3.39
N ALA A 11 -2.56 3.39 -2.91
CA ALA A 11 -2.77 3.63 -1.48
C ALA A 11 -3.23 2.38 -0.74
N GLY A 12 -4.13 1.63 -1.35
CA GLY A 12 -4.64 0.44 -0.74
C GLY A 12 -3.55 -0.56 -0.47
N ASP A 13 -2.69 -0.75 -1.43
CA ASP A 13 -1.58 -1.68 -1.27
C ASP A 13 -0.49 -1.07 -0.41
N ALA A 14 -0.17 0.13 -0.78
CA ALA A 14 0.90 0.93 -0.21
C ALA A 14 0.75 1.10 1.30
N ILE A 15 -0.44 1.38 1.77
CA ILE A 15 -0.68 1.59 3.20
C ILE A 15 -0.65 0.27 3.93
N VAL A 16 -1.19 -0.73 3.33
CA VAL A 16 -1.19 -2.06 3.92
C VAL A 16 0.24 -2.58 4.03
N SER A 17 1.01 -2.35 2.99
CA SER A 17 2.40 -2.76 2.91
C SER A 17 3.23 -1.91 3.89
N PHE A 18 2.79 -0.68 4.08
CA PHE A 18 3.40 0.25 5.02
C PHE A 18 3.22 -0.31 6.42
N GLY A 19 1.98 -0.65 6.73
CA GLY A 19 1.64 -1.21 8.02
C GLY A 19 2.35 -2.52 8.26
N GLU A 20 2.32 -3.39 7.27
CA GLU A 20 2.98 -4.69 7.37
C GLU A 20 4.49 -4.53 7.42
N GLY A 21 4.96 -3.48 6.83
CA GLY A 21 6.36 -3.13 6.86
C GLY A 21 6.77 -2.67 8.25
N PHE A 22 5.84 -2.07 8.94
CA PHE A 22 6.06 -1.66 10.31
C PHE A 22 5.91 -2.86 11.25
N LEU A 23 4.90 -3.68 10.99
CA LEU A 23 4.57 -4.88 11.77
C LEU A 23 5.64 -5.95 11.71
N ASN A 24 6.63 -5.74 10.87
CA ASN A 24 7.76 -6.67 10.64
C ASN A 24 8.64 -6.88 11.89
N ALA A 25 8.31 -6.19 12.95
CA ALA A 25 9.10 -6.21 14.14
C ALA A 25 8.56 -7.20 15.16
N TRP A 26 7.62 -8.02 14.71
CA TRP A 26 7.06 -9.06 15.55
C TRP A 26 8.09 -10.17 15.81
N LYS A 1 -9.05 9.91 -16.85
CA LYS A 1 -10.05 10.56 -16.01
C LYS A 1 -9.99 9.99 -14.60
N LYS A 2 -9.76 10.89 -13.63
CA LYS A 2 -9.72 10.63 -12.16
C LYS A 2 -8.65 9.63 -11.72
N LYS A 3 -7.75 9.31 -12.61
CA LYS A 3 -6.67 8.39 -12.32
C LYS A 3 -5.52 9.14 -11.69
N LYS A 4 -5.49 9.11 -10.38
CA LYS A 4 -4.45 9.77 -9.62
C LYS A 4 -3.40 8.77 -9.17
N GLN A 5 -3.83 7.55 -8.92
CA GLN A 5 -2.96 6.51 -8.40
C GLN A 5 -3.28 5.20 -9.09
N SER A 6 -2.27 4.58 -9.62
CA SER A 6 -2.42 3.32 -10.26
C SER A 6 -2.16 2.20 -9.24
N TRP A 7 -2.21 0.96 -9.71
CA TRP A 7 -2.00 -0.20 -8.86
C TRP A 7 -0.64 -0.17 -8.19
N TYR A 8 0.37 0.26 -8.94
CA TYR A 8 1.74 0.28 -8.43
C TYR A 8 1.96 1.43 -7.49
N ALA A 9 1.16 2.46 -7.67
CA ALA A 9 1.23 3.64 -6.84
C ALA A 9 0.74 3.29 -5.46
N ALA A 10 -0.41 2.62 -5.43
CA ALA A 10 -1.02 2.19 -4.23
C ALA A 10 -0.15 1.14 -3.60
N ALA A 11 0.20 0.10 -4.37
CA ALA A 11 1.01 -1.02 -3.87
C ALA A 11 2.32 -0.55 -3.27
N GLY A 12 2.89 0.49 -3.83
CA GLY A 12 4.10 1.04 -3.32
C GLY A 12 3.89 1.57 -1.93
N ASP A 13 2.94 2.46 -1.78
CA ASP A 13 2.66 3.09 -0.48
C ASP A 13 2.06 2.10 0.47
N ALA A 14 1.07 1.42 -0.02
CA ALA A 14 0.24 0.50 0.74
C ALA A 14 1.07 -0.54 1.47
N ILE A 15 2.04 -1.10 0.80
CA ILE A 15 2.88 -2.13 1.40
C ILE A 15 3.86 -1.53 2.39
N VAL A 16 4.40 -0.39 2.04
CA VAL A 16 5.31 0.33 2.95
C VAL A 16 4.57 0.70 4.23
N SER A 17 3.39 1.20 4.05
CA SER A 17 2.54 1.62 5.13
C SER A 17 2.03 0.40 5.91
N PHE A 18 1.90 -0.71 5.21
CA PHE A 18 1.49 -1.96 5.81
C PHE A 18 2.59 -2.41 6.77
N GLY A 19 3.83 -2.31 6.30
CA GLY A 19 4.98 -2.65 7.10
C GLY A 19 5.07 -1.78 8.33
N GLU A 20 4.87 -0.49 8.15
CA GLU A 20 4.86 0.46 9.27
C GLU A 20 3.71 0.15 10.24
N GLY A 21 2.60 -0.27 9.67
CA GLY A 21 1.43 -0.66 10.43
C GLY A 21 1.68 -1.92 11.22
N PHE A 22 2.66 -2.66 10.81
CA PHE A 22 3.15 -3.78 11.56
C PHE A 22 4.13 -3.31 12.65
N LEU A 23 5.15 -2.58 12.20
CA LEU A 23 6.31 -2.17 13.02
C LEU A 23 5.95 -1.28 14.20
N ASN A 24 4.81 -0.64 14.13
CA ASN A 24 4.35 0.22 15.23
C ASN A 24 3.98 -0.59 16.48
N ALA A 25 3.78 -1.89 16.31
CA ALA A 25 3.32 -2.74 17.38
C ALA A 25 4.28 -3.88 17.63
N TRP A 26 5.12 -4.16 16.67
CA TRP A 26 6.05 -5.24 16.75
C TRP A 26 7.40 -4.76 16.28
N LYS A 1 -2.88 0.13 16.17
CA LYS A 1 -2.09 0.82 17.17
C LYS A 1 -0.91 -0.03 17.60
N LYS A 2 -1.17 -1.23 18.04
CA LYS A 2 -0.11 -2.12 18.42
C LYS A 2 0.43 -2.75 17.17
N LYS A 3 1.42 -2.07 16.60
CA LYS A 3 2.08 -2.44 15.35
C LYS A 3 1.12 -2.25 14.17
N LYS A 4 1.57 -2.55 13.00
CA LYS A 4 0.73 -2.44 11.85
C LYS A 4 0.67 -3.77 11.11
N GLN A 5 1.73 -4.09 10.44
CA GLN A 5 1.88 -5.28 9.69
C GLN A 5 3.34 -5.37 9.26
N SER A 6 3.73 -6.49 8.75
CA SER A 6 5.08 -6.71 8.29
C SER A 6 5.39 -5.83 7.06
N TRP A 7 6.66 -5.57 6.80
CA TRP A 7 7.10 -4.69 5.70
C TRP A 7 6.52 -5.14 4.34
N TYR A 8 6.51 -6.44 4.09
CA TYR A 8 6.02 -6.97 2.83
C TYR A 8 4.52 -6.93 2.76
N ALA A 9 3.90 -6.99 3.90
CA ALA A 9 2.46 -6.95 4.00
C ALA A 9 2.01 -5.54 3.71
N ALA A 10 2.76 -4.59 4.27
CA ALA A 10 2.53 -3.19 4.05
C ALA A 10 2.78 -2.90 2.62
N ALA A 11 3.93 -3.33 2.10
CA ALA A 11 4.29 -3.11 0.69
C ALA A 11 3.20 -3.60 -0.26
N GLY A 12 2.68 -4.78 0.00
CA GLY A 12 1.63 -5.33 -0.81
C GLY A 12 0.41 -4.45 -0.83
N ASP A 13 0.03 -3.94 0.30
CA ASP A 13 -1.13 -3.04 0.40
C ASP A 13 -0.78 -1.64 -0.11
N ALA A 14 0.31 -1.16 0.38
CA ALA A 14 0.83 0.17 0.14
C ALA A 14 1.07 0.44 -1.33
N ILE A 15 1.65 -0.51 -2.04
CA ILE A 15 1.97 -0.33 -3.47
C ILE A 15 0.71 -0.38 -4.29
N VAL A 16 -0.18 -1.25 -3.93
CA VAL A 16 -1.45 -1.35 -4.62
C VAL A 16 -2.24 -0.05 -4.42
N SER A 17 -2.19 0.47 -3.22
CA SER A 17 -2.86 1.72 -2.88
C SER A 17 -2.15 2.88 -3.58
N PHE A 18 -0.85 2.76 -3.71
CA PHE A 18 0.00 3.74 -4.38
C PHE A 18 -0.41 3.82 -5.84
N GLY A 19 -0.53 2.66 -6.46
CA GLY A 19 -0.94 2.56 -7.83
C GLY A 19 -2.33 3.10 -8.04
N GLU A 20 -3.24 2.72 -7.18
CA GLU A 20 -4.62 3.20 -7.26
C GLU A 20 -4.70 4.70 -7.00
N GLY A 21 -3.76 5.17 -6.21
CA GLY A 21 -3.62 6.58 -5.90
C GLY A 21 -3.31 7.37 -7.14
N PHE A 22 -2.61 6.76 -8.05
CA PHE A 22 -2.40 7.32 -9.35
C PHE A 22 -3.62 7.06 -10.25
N LEU A 23 -4.04 5.80 -10.30
CA LEU A 23 -5.08 5.32 -11.22
C LEU A 23 -6.44 5.97 -11.04
N ASN A 24 -6.65 6.63 -9.92
CA ASN A 24 -7.91 7.37 -9.62
C ASN A 24 -8.06 8.62 -10.50
N ALA A 25 -7.07 8.86 -11.34
CA ALA A 25 -7.05 10.00 -12.24
C ALA A 25 -7.46 9.58 -13.64
N TRP A 26 -8.22 8.51 -13.70
CA TRP A 26 -8.76 7.95 -14.94
C TRP A 26 -9.59 8.95 -15.75
N LYS A 1 -8.63 5.90 -19.28
CA LYS A 1 -7.74 4.99 -18.60
C LYS A 1 -7.01 5.76 -17.54
N LYS A 2 -6.56 5.10 -16.50
CA LYS A 2 -5.77 5.76 -15.48
C LYS A 2 -4.29 5.62 -15.81
N LYS A 3 -4.01 4.68 -16.69
CA LYS A 3 -2.67 4.36 -17.23
C LYS A 3 -1.71 3.71 -16.24
N LYS A 4 -1.74 4.13 -15.01
CA LYS A 4 -0.83 3.59 -14.02
C LYS A 4 -1.61 3.38 -12.75
N GLN A 5 -0.94 2.92 -11.72
CA GLN A 5 -1.54 2.79 -10.45
C GLN A 5 -1.71 4.18 -9.86
N SER A 6 -2.91 4.54 -9.66
CA SER A 6 -3.26 5.82 -9.12
C SER A 6 -2.80 5.98 -7.65
N TRP A 7 -2.95 7.18 -7.13
CA TRP A 7 -2.57 7.51 -5.74
C TRP A 7 -3.18 6.52 -4.72
N TYR A 8 -4.44 6.18 -4.93
CA TYR A 8 -5.12 5.28 -4.02
C TYR A 8 -4.67 3.84 -4.22
N ALA A 9 -4.12 3.56 -5.37
CA ALA A 9 -3.64 2.24 -5.69
C ALA A 9 -2.36 1.99 -4.92
N ALA A 10 -1.59 3.05 -4.75
CA ALA A 10 -0.42 3.00 -3.96
C ALA A 10 -0.83 2.93 -2.53
N ALA A 11 -1.67 3.88 -2.10
CA ALA A 11 -2.13 3.97 -0.71
C ALA A 11 -2.72 2.66 -0.22
N GLY A 12 -3.51 2.01 -1.05
CA GLY A 12 -4.12 0.76 -0.74
C GLY A 12 -3.11 -0.27 -0.33
N ASP A 13 -2.06 -0.41 -1.10
CA ASP A 13 -1.01 -1.35 -0.77
C ASP A 13 -0.14 -0.80 0.33
N ALA A 14 0.26 0.42 0.11
CA ALA A 14 1.22 1.14 0.92
C ALA A 14 0.84 1.18 2.39
N ILE A 15 -0.42 1.42 2.68
CA ILE A 15 -0.89 1.49 4.05
C ILE A 15 -0.96 0.11 4.67
N VAL A 16 -1.40 -0.83 3.91
CA VAL A 16 -1.47 -2.21 4.36
C VAL A 16 -0.05 -2.73 4.64
N SER A 17 0.82 -2.43 3.74
CA SER A 17 2.20 -2.80 3.83
C SER A 17 2.92 -2.01 4.93
N PHE A 18 2.39 -0.85 5.24
CA PHE A 18 2.88 -0.01 6.31
C PHE A 18 2.58 -0.74 7.62
N GLY A 19 1.37 -1.30 7.69
CA GLY A 19 0.96 -2.06 8.85
C GLY A 19 1.83 -3.27 9.04
N GLU A 20 2.05 -4.01 7.96
CA GLU A 20 2.90 -5.20 8.00
C GLU A 20 4.33 -4.81 8.34
N GLY A 21 4.71 -3.66 7.84
CA GLY A 21 6.02 -3.10 8.07
C GLY A 21 6.22 -2.74 9.52
N PHE A 22 5.13 -2.48 10.19
CA PHE A 22 5.13 -2.31 11.62
C PHE A 22 5.10 -3.67 12.34
N LEU A 23 4.12 -4.50 11.97
CA LEU A 23 3.83 -5.79 12.66
C LEU A 23 5.01 -6.73 12.74
N ASN A 24 5.86 -6.69 11.72
CA ASN A 24 7.07 -7.54 11.64
C ASN A 24 8.09 -7.26 12.76
N ALA A 25 7.82 -6.25 13.57
CA ALA A 25 8.71 -5.85 14.63
C ALA A 25 8.31 -6.50 15.95
N TRP A 26 7.55 -7.55 15.85
CA TRP A 26 7.14 -8.32 17.02
C TRP A 26 8.32 -8.95 17.76
N LYS A 1 -11.91 12.17 -14.18
CA LYS A 1 -11.36 10.90 -14.62
C LYS A 1 -11.69 9.82 -13.62
N LYS A 2 -11.75 8.59 -14.08
CA LYS A 2 -12.02 7.46 -13.20
C LYS A 2 -10.72 6.92 -12.68
N LYS A 3 -9.67 7.31 -13.34
CA LYS A 3 -8.33 6.96 -12.97
C LYS A 3 -7.92 7.76 -11.74
N LYS A 4 -8.26 7.23 -10.60
CA LYS A 4 -7.96 7.80 -9.29
C LYS A 4 -6.45 7.87 -9.05
N GLN A 5 -5.82 6.76 -9.27
CA GLN A 5 -4.43 6.53 -9.06
C GLN A 5 -4.16 5.25 -9.76
N SER A 6 -2.97 4.80 -9.73
CA SER A 6 -2.65 3.57 -10.34
C SER A 6 -2.78 2.42 -9.36
N TRP A 7 -3.00 1.24 -9.88
CA TRP A 7 -3.11 0.02 -9.10
C TRP A 7 -1.87 -0.20 -8.22
N TYR A 8 -0.71 0.13 -8.75
CA TYR A 8 0.53 -0.07 -8.01
C TYR A 8 0.72 0.98 -6.94
N ALA A 9 0.02 2.09 -7.08
CA ALA A 9 0.09 3.16 -6.11
C ALA A 9 -0.56 2.69 -4.82
N ALA A 10 -1.68 1.97 -4.97
CA ALA A 10 -2.39 1.45 -3.87
C ALA A 10 -1.62 0.31 -3.32
N ALA A 11 -1.31 -0.67 -4.18
CA ALA A 11 -0.60 -1.89 -3.78
C ALA A 11 0.70 -1.58 -3.05
N GLY A 12 1.46 -0.66 -3.57
CA GLY A 12 2.72 -0.31 -2.95
C GLY A 12 2.53 0.22 -1.56
N ASP A 13 1.72 1.25 -1.46
CA ASP A 13 1.48 1.97 -0.20
C ASP A 13 0.78 1.07 0.80
N ALA A 14 -0.25 0.44 0.33
CA ALA A 14 -1.11 -0.44 1.09
C ALA A 14 -0.33 -1.62 1.68
N ILE A 15 0.55 -2.21 0.90
CA ILE A 15 1.33 -3.36 1.37
C ILE A 15 2.39 -2.95 2.36
N VAL A 16 2.99 -1.82 2.10
CA VAL A 16 3.99 -1.29 3.03
C VAL A 16 3.37 -1.07 4.40
N SER A 17 2.25 -0.44 4.40
CA SER A 17 1.54 -0.14 5.62
C SER A 17 0.93 -1.40 6.25
N PHE A 18 0.70 -2.42 5.43
CA PHE A 18 0.22 -3.70 5.90
C PHE A 18 1.33 -4.30 6.77
N GLY A 19 2.56 -4.16 6.28
CA GLY A 19 3.73 -4.60 7.00
C GLY A 19 3.92 -3.80 8.27
N GLU A 20 3.73 -2.49 8.17
CA GLU A 20 3.81 -1.58 9.32
C GLU A 20 2.78 -1.97 10.38
N GLY A 21 1.67 -2.46 9.92
CA GLY A 21 0.62 -2.95 10.77
C GLY A 21 1.10 -4.10 11.61
N PHE A 22 1.72 -5.05 10.95
CA PHE A 22 2.32 -6.22 11.61
C PHE A 22 3.46 -5.79 12.55
N LEU A 23 4.23 -4.82 12.12
CA LEU A 23 5.39 -4.31 12.86
C LEU A 23 5.03 -3.65 14.19
N ASN A 24 3.73 -3.48 14.45
CA ASN A 24 3.22 -2.90 15.73
C ASN A 24 3.68 -3.68 16.98
N ALA A 25 4.26 -4.85 16.76
CA ALA A 25 4.68 -5.70 17.83
C ALA A 25 6.14 -5.50 18.16
N TRP A 26 6.86 -4.86 17.26
CA TRP A 26 8.29 -4.64 17.44
C TRP A 26 8.65 -3.21 17.10
N LYS A 1 13.09 -7.17 10.43
CA LYS A 1 13.17 -8.62 10.65
C LYS A 1 12.12 -9.13 11.64
N LYS A 2 10.86 -9.11 11.22
CA LYS A 2 9.74 -9.66 11.95
C LYS A 2 8.52 -9.53 11.07
N LYS A 3 8.28 -10.57 10.29
CA LYS A 3 7.18 -10.66 9.35
C LYS A 3 7.32 -9.68 8.21
N LYS A 4 6.89 -8.45 8.38
CA LYS A 4 7.09 -7.45 7.36
C LYS A 4 6.99 -6.02 7.83
N GLN A 5 5.85 -5.63 8.32
CA GLN A 5 5.62 -4.25 8.67
C GLN A 5 4.33 -4.09 9.45
N SER A 6 4.30 -3.09 10.29
CA SER A 6 3.18 -2.76 11.13
C SER A 6 1.93 -2.35 10.31
N TRP A 7 0.79 -2.28 10.99
CA TRP A 7 -0.52 -1.92 10.38
C TRP A 7 -0.47 -0.64 9.56
N TYR A 8 0.18 0.39 10.07
CA TYR A 8 0.24 1.69 9.38
C TYR A 8 1.11 1.62 8.15
N ALA A 9 2.11 0.80 8.24
CA ALA A 9 3.05 0.62 7.17
C ALA A 9 2.40 -0.16 6.06
N ALA A 10 1.61 -1.17 6.44
CA ALA A 10 0.88 -1.98 5.53
C ALA A 10 -0.16 -1.14 4.89
N ALA A 11 -0.95 -0.45 5.70
CA ALA A 11 -2.01 0.42 5.19
C ALA A 11 -1.46 1.43 4.21
N GLY A 12 -0.40 2.08 4.57
CA GLY A 12 0.20 3.05 3.71
C GLY A 12 0.67 2.44 2.40
N ASP A 13 1.51 1.44 2.50
CA ASP A 13 2.12 0.75 1.35
C ASP A 13 1.08 0.10 0.46
N ALA A 14 0.20 -0.62 1.10
CA ALA A 14 -0.86 -1.37 0.45
C ALA A 14 -1.78 -0.46 -0.35
N ILE A 15 -2.13 0.67 0.23
CA ILE A 15 -3.02 1.63 -0.42
C ILE A 15 -2.29 2.36 -1.53
N VAL A 16 -1.03 2.62 -1.31
CA VAL A 16 -0.19 3.21 -2.34
C VAL A 16 -0.21 2.35 -3.59
N SER A 17 0.05 1.09 -3.41
CA SER A 17 0.09 0.15 -4.50
C SER A 17 -1.29 -0.12 -5.09
N PHE A 18 -2.30 0.08 -4.27
CA PHE A 18 -3.67 -0.05 -4.70
C PHE A 18 -3.94 1.06 -5.72
N GLY A 19 -3.48 2.26 -5.37
CA GLY A 19 -3.60 3.39 -6.24
C GLY A 19 -2.80 3.21 -7.50
N GLU A 20 -1.58 2.69 -7.35
CA GLU A 20 -0.71 2.40 -8.50
C GLU A 20 -1.37 1.41 -9.43
N GLY A 21 -2.08 0.49 -8.84
CA GLY A 21 -2.85 -0.49 -9.57
C GLY A 21 -3.90 0.17 -10.41
N PHE A 22 -4.66 1.02 -9.79
CA PHE A 22 -5.72 1.80 -10.43
C PHE A 22 -5.15 2.66 -11.58
N LEU A 23 -3.98 3.20 -11.35
CA LEU A 23 -3.30 4.09 -12.29
C LEU A 23 -2.98 3.44 -13.63
N ASN A 24 -3.17 2.13 -13.75
CA ASN A 24 -2.96 1.40 -15.01
C ASN A 24 -3.89 1.88 -16.13
N ALA A 25 -4.94 2.58 -15.76
CA ALA A 25 -5.99 3.01 -16.67
C ALA A 25 -5.77 4.46 -17.06
N TRP A 26 -4.53 4.89 -16.98
CA TRP A 26 -4.14 6.23 -17.35
C TRP A 26 -4.24 6.44 -18.87
N LYS A 1 1.23 -1.05 21.67
CA LYS A 1 1.95 -1.16 20.41
C LYS A 1 1.13 -0.49 19.32
N LYS A 2 1.79 -0.02 18.30
CA LYS A 2 1.12 0.61 17.19
C LYS A 2 1.32 -0.21 15.93
N LYS A 3 1.76 -1.42 16.11
CA LYS A 3 2.05 -2.29 15.01
C LYS A 3 1.00 -3.37 14.87
N LYS A 4 0.36 -3.35 13.75
CA LYS A 4 -0.61 -4.35 13.38
C LYS A 4 -0.14 -5.02 12.09
N GLN A 5 0.77 -4.36 11.41
CA GLN A 5 1.37 -4.82 10.20
C GLN A 5 2.86 -4.57 10.28
N SER A 6 3.62 -5.52 9.85
CA SER A 6 5.04 -5.34 9.77
C SER A 6 5.36 -4.56 8.49
N TRP A 7 6.62 -4.22 8.28
CA TRP A 7 7.06 -3.45 7.11
C TRP A 7 6.62 -4.11 5.80
N TYR A 8 6.71 -5.43 5.73
CA TYR A 8 6.35 -6.18 4.53
C TYR A 8 4.84 -6.27 4.35
N ALA A 9 4.15 -6.27 5.45
CA ALA A 9 2.69 -6.36 5.45
C ALA A 9 2.11 -5.05 4.97
N ALA A 10 2.71 -3.96 5.44
CA ALA A 10 2.34 -2.66 5.03
C ALA A 10 2.66 -2.52 3.58
N ALA A 11 3.89 -2.88 3.20
CA ALA A 11 4.34 -2.81 1.81
C ALA A 11 3.38 -3.54 0.87
N GLY A 12 2.92 -4.71 1.29
CA GLY A 12 2.00 -5.47 0.53
C GLY A 12 0.75 -4.69 0.22
N ASP A 13 0.10 -4.20 1.25
CA ASP A 13 -1.14 -3.44 1.07
C ASP A 13 -0.86 -2.12 0.42
N ALA A 14 0.10 -1.43 0.96
CA ALA A 14 0.49 -0.08 0.59
C ALA A 14 0.79 0.04 -0.90
N ILE A 15 1.52 -0.91 -1.45
CA ILE A 15 1.88 -0.87 -2.87
C ILE A 15 0.69 -1.23 -3.72
N VAL A 16 -0.07 -2.21 -3.27
CA VAL A 16 -1.28 -2.60 -3.97
C VAL A 16 -2.26 -1.43 -4.03
N SER A 17 -2.41 -0.80 -2.92
CA SER A 17 -3.29 0.34 -2.77
C SER A 17 -2.75 1.56 -3.54
N PHE A 18 -1.44 1.58 -3.75
CA PHE A 18 -0.79 2.64 -4.49
C PHE A 18 -1.22 2.52 -5.94
N GLY A 19 -1.20 1.27 -6.45
CA GLY A 19 -1.60 0.98 -7.80
C GLY A 19 -3.08 1.21 -8.00
N GLU A 20 -3.86 0.78 -7.03
CA GLU A 20 -5.31 0.99 -7.03
C GLU A 20 -5.61 2.48 -7.05
N GLY A 21 -4.80 3.20 -6.29
CA GLY A 21 -4.91 4.63 -6.19
C GLY A 21 -4.56 5.34 -7.48
N PHE A 22 -3.92 4.65 -8.39
CA PHE A 22 -3.60 5.19 -9.69
C PHE A 22 -4.84 5.16 -10.58
N LEU A 23 -5.62 4.11 -10.44
CA LEU A 23 -6.76 3.84 -11.31
C LEU A 23 -7.91 4.81 -11.09
N ASN A 24 -7.80 5.61 -10.06
CA ASN A 24 -8.84 6.57 -9.71
C ASN A 24 -8.95 7.71 -10.73
N ALA A 25 -8.02 7.76 -11.65
CA ALA A 25 -7.96 8.82 -12.62
C ALA A 25 -8.70 8.45 -13.88
N TRP A 26 -8.84 7.17 -14.13
CA TRP A 26 -9.46 6.71 -15.33
C TRP A 26 -9.99 5.30 -15.17
#